data_9HBO
#
_entry.id   9HBO
#
_cell.length_a   139.393
_cell.length_b   86.284
_cell.length_c   98.062
_cell.angle_alpha   90.00
_cell.angle_beta   121.81
_cell.angle_gamma   90.00
#
_symmetry.space_group_name_H-M   'C 1 2 1'
#
loop_
_entity.id
_entity.type
_entity.pdbx_description
1 polymer 'Epidermal growth factor receptor'
2 non-polymer 1-[2-[5-[1-[bis(fluoranyl)methyl]-5-methyl-pyrazol-4-yl]-2,4-bis(fluoranyl)phenyl]-3-pyrimidin-4-yl-4,6-dihydropyrrolo[3,4-d]imidazol-5-yl]propan-1-one
3 water water
#
_entity_poly.entity_id   1
_entity_poly.type   'polypeptide(L)'
_entity_poly.pdbx_seq_one_letter_code
;GSGEAPNQALLRILKETEFKKIKVLGSGAFGTVYKGLWIPEGEKVKIPVAIKELREATSPKANKEILDEAYVMASVDNPG
NPHVCRLLGICLTSTVQLITQLMPFGCLLDYVREHKDNIGSQYLLNWCVQIAKGMNYLEDRRLVHRDLAARNVLVKTPQH
VKITDFGLAKLLGAEEKEYHAEGGKVPIKWMALESILHRIYTHQSDVWSYGVTVWELMTFGSKPYDGIPASEISSILEKG
ERLPQPPICTIDVYMIMRKCWMIDADSRPKFRELIIEFSKMARDPQRYLVIQGDERMHLPSPTDSNFYRALMDEEDMDDV
VDADEYLIPQQG
;
_entity_poly.pdbx_strand_id   A,B
#
loop_
_chem_comp.id
_chem_comp.type
_chem_comp.name
_chem_comp.formula
A1IUK non-polymer 1-[2-[5-[1-[bis(fluoranyl)methyl]-5-methyl-pyrazol-4-yl]-2,4-bis(fluoranyl)phenyl]-3-pyrimidin-4-yl-4,6-dihydropyrrolo[3,4-d]imidazol-5-yl]propan-1-one 'C23 H19 F4 N7 O'
#
# COMPACT_ATOMS: atom_id res chain seq x y z
N ALA A 9 10.21 5.94 -10.53
CA ALA A 9 9.83 7.33 -10.74
C ALA A 9 10.84 8.25 -10.05
N LEU A 10 11.26 7.89 -8.82
CA LEU A 10 12.30 8.64 -8.12
C LEU A 10 13.47 7.73 -7.78
N LEU A 11 14.47 7.72 -8.66
CA LEU A 11 15.68 6.93 -8.47
C LEU A 11 16.76 7.87 -7.96
N ARG A 12 17.28 7.63 -6.76
CA ARG A 12 18.32 8.48 -6.19
C ARG A 12 19.68 7.90 -6.54
N ILE A 13 20.54 8.71 -7.18
CA ILE A 13 21.89 8.29 -7.48
C ILE A 13 22.74 8.76 -6.30
N LEU A 14 23.26 7.83 -5.52
CA LEU A 14 24.02 8.12 -4.33
C LEU A 14 25.50 8.28 -4.59
N LYS A 15 26.12 9.25 -3.94
CA LYS A 15 27.57 9.42 -4.01
C LYS A 15 28.16 8.55 -2.88
N GLU A 16 29.38 8.04 -3.05
CA GLU A 16 30.00 7.18 -2.04
C GLU A 16 30.26 7.87 -0.69
N THR A 17 30.19 9.21 -0.64
CA THR A 17 30.37 9.97 0.61
C THR A 17 29.06 10.07 1.43
N GLU A 18 27.90 9.89 0.77
CA GLU A 18 26.57 9.94 1.38
C GLU A 18 26.33 8.76 2.31
N PHE A 19 26.91 7.60 2.01
CA PHE A 19 26.68 6.40 2.81
C PHE A 19 27.97 5.70 3.23
N LYS A 20 27.91 4.92 4.31
CA LYS A 20 29.07 4.19 4.84
C LYS A 20 28.69 2.73 5.13
N LYS A 21 29.62 1.80 4.91
CA LYS A 21 29.40 0.39 5.19
C LYS A 21 29.94 0.09 6.58
N ILE A 22 29.12 -0.50 7.47
CA ILE A 22 29.55 -0.79 8.84
C ILE A 22 30.02 -2.24 9.01
N LYS A 23 29.15 -3.23 8.75
CA LYS A 23 29.53 -4.64 8.88
C LYS A 23 28.90 -5.54 7.82
N VAL A 24 29.48 -6.71 7.57
CA VAL A 24 28.94 -7.65 6.59
C VAL A 24 27.81 -8.45 7.20
N LEU A 25 26.67 -8.53 6.50
CA LEU A 25 25.51 -9.30 6.94
C LEU A 25 25.50 -10.70 6.31
N GLY A 26 25.93 -10.80 5.07
CA GLY A 26 25.97 -12.07 4.36
C GLY A 26 26.72 -11.97 3.05
N SER A 27 27.24 -13.10 2.56
CA SER A 27 28.04 -13.15 1.34
C SER A 27 27.45 -14.19 0.35
N GLY A 28 28.08 -14.31 -0.83
CA GLY A 28 27.64 -15.28 -1.83
C GLY A 28 28.31 -15.07 -3.18
N ALA A 29 27.85 -15.82 -4.19
CA ALA A 29 28.37 -15.70 -5.55
C ALA A 29 27.89 -14.37 -6.20
N PHE A 30 26.67 -13.91 -5.80
CA PHE A 30 26.02 -12.66 -6.24
C PHE A 30 26.84 -11.41 -5.85
N GLY A 31 27.52 -11.48 -4.70
CA GLY A 31 28.25 -10.38 -4.12
C GLY A 31 28.11 -10.38 -2.60
N THR A 32 27.95 -9.21 -1.98
CA THR A 32 27.88 -9.11 -0.51
C THR A 32 26.83 -8.12 -0.02
N VAL A 33 26.23 -8.40 1.14
CA VAL A 33 25.25 -7.52 1.77
C VAL A 33 25.87 -6.89 3.03
N TYR A 34 25.81 -5.56 3.14
CA TYR A 34 26.37 -4.82 4.25
C TYR A 34 25.30 -4.08 5.03
N LYS A 35 25.51 -3.92 6.33
CA LYS A 35 24.65 -3.12 7.20
C LYS A 35 25.37 -1.79 7.23
N GLY A 36 24.70 -0.72 6.81
CA GLY A 36 25.34 0.58 6.77
C GLY A 36 24.52 1.75 7.25
N LEU A 37 24.96 2.95 6.92
CA LEU A 37 24.32 4.17 7.36
C LEU A 37 24.31 5.17 6.21
N TRP A 38 23.19 5.87 6.04
CA TRP A 38 23.06 6.82 4.95
C TRP A 38 22.60 8.19 5.42
N ILE A 39 23.25 9.23 4.89
CA ILE A 39 22.93 10.62 5.16
C ILE A 39 22.51 11.24 3.83
N PRO A 40 21.19 11.38 3.57
CA PRO A 40 20.77 11.97 2.29
C PRO A 40 21.30 13.38 2.07
N GLU A 41 21.60 13.72 0.81
CA GLU A 41 22.24 14.96 0.34
C GLU A 41 21.84 16.25 1.09
N GLY A 42 20.57 16.64 1.02
CA GLY A 42 20.12 17.87 1.67
C GLY A 42 19.41 17.63 2.99
N GLU A 43 19.87 16.58 3.70
CA GLU A 43 19.30 16.18 4.99
C GLU A 43 20.37 16.02 6.05
N LYS A 44 19.98 16.21 7.31
CA LYS A 44 20.85 16.06 8.47
C LYS A 44 20.29 14.90 9.30
N VAL A 45 20.18 13.72 8.70
CA VAL A 45 19.61 12.56 9.37
C VAL A 45 20.35 11.27 8.99
N LYS A 46 20.58 10.38 9.96
CA LYS A 46 21.24 9.09 9.71
C LYS A 46 20.18 8.01 9.55
N ILE A 47 20.22 7.29 8.42
CA ILE A 47 19.24 6.25 8.15
C ILE A 47 19.93 4.89 8.06
N PRO A 48 19.47 3.91 8.85
CA PRO A 48 20.06 2.57 8.80
C PRO A 48 19.67 1.87 7.51
N VAL A 49 20.66 1.52 6.70
CA VAL A 49 20.40 0.90 5.41
C VAL A 49 21.06 -0.47 5.26
N ALA A 50 20.64 -1.21 4.24
CA ALA A 50 21.25 -2.47 3.84
C ALA A 50 21.77 -2.19 2.42
N ILE A 51 23.05 -2.47 2.20
CA ILE A 51 23.68 -2.23 0.91
C ILE A 51 24.02 -3.54 0.24
N LYS A 52 23.51 -3.79 -0.97
CA LYS A 52 23.87 -4.99 -1.72
C LYS A 52 24.91 -4.61 -2.77
N GLU A 53 26.15 -5.04 -2.58
CA GLU A 53 27.20 -4.76 -3.54
C GLU A 53 27.33 -5.96 -4.48
N LEU A 54 26.94 -5.80 -5.74
CA LEU A 54 26.99 -6.89 -6.71
C LEU A 54 28.41 -7.11 -7.23
N ARG A 55 28.68 -8.35 -7.66
CA ARG A 55 29.97 -8.75 -8.22
C ARG A 55 30.27 -8.05 -9.56
N GLU A 56 31.43 -7.39 -9.61
CA GLU A 56 31.96 -6.62 -10.75
C GLU A 56 32.02 -7.40 -12.06
N ALA A 57 31.72 -6.70 -13.17
CA ALA A 57 31.74 -7.16 -14.56
C ALA A 57 30.98 -8.47 -14.83
N THR A 58 29.90 -8.71 -14.11
CA THR A 58 29.08 -9.90 -14.34
C THR A 58 28.18 -9.62 -15.56
N SER A 59 27.53 -8.45 -15.55
CA SER A 59 26.61 -7.99 -16.58
C SER A 59 27.32 -7.26 -17.71
N PRO A 60 26.88 -7.50 -18.96
CA PRO A 60 27.47 -6.79 -20.09
C PRO A 60 26.88 -5.39 -20.33
N LYS A 61 25.85 -4.97 -19.53
CA LYS A 61 25.21 -3.68 -19.67
C LYS A 61 26.08 -2.53 -19.22
N ALA A 62 26.04 -1.43 -20.00
CA ALA A 62 26.75 -0.21 -19.63
C ALA A 62 25.97 0.48 -18.48
N ASN A 63 26.62 1.42 -17.78
CA ASN A 63 26.02 2.11 -16.65
C ASN A 63 24.67 2.78 -16.98
N LYS A 64 24.48 3.25 -18.23
CA LYS A 64 23.22 3.86 -18.66
C LYS A 64 22.10 2.83 -18.68
N GLU A 65 22.33 1.62 -19.22
CA GLU A 65 21.32 0.55 -19.26
C GLU A 65 21.04 -0.04 -17.86
N ILE A 66 22.02 0.01 -16.97
CA ILE A 66 21.86 -0.43 -15.58
C ILE A 66 20.90 0.53 -14.89
N LEU A 67 21.07 1.85 -15.14
CA LEU A 67 20.23 2.90 -14.58
C LEU A 67 18.78 2.76 -15.01
N ASP A 68 18.54 2.38 -16.26
CA ASP A 68 17.17 2.16 -16.75
C ASP A 68 16.47 1.04 -15.97
N GLU A 69 17.19 -0.05 -15.69
CA GLU A 69 16.64 -1.18 -14.95
C GLU A 69 16.34 -0.79 -13.50
N ALA A 70 17.27 -0.02 -12.90
CA ALA A 70 17.12 0.50 -11.53
C ALA A 70 15.95 1.49 -11.42
N TYR A 71 15.68 2.24 -12.49
CA TYR A 71 14.56 3.17 -12.53
C TYR A 71 13.25 2.38 -12.40
N VAL A 72 13.15 1.24 -13.11
CA VAL A 72 11.98 0.37 -13.06
C VAL A 72 11.81 -0.20 -11.65
N MET A 73 12.90 -0.67 -11.00
CA MET A 73 12.82 -1.18 -9.63
C MET A 73 12.35 -0.09 -8.67
N ALA A 74 12.77 1.18 -8.90
CA ALA A 74 12.39 2.32 -8.06
C ALA A 74 10.96 2.77 -8.29
N SER A 75 10.44 2.59 -9.52
CA SER A 75 9.07 2.97 -9.88
C SER A 75 8.02 2.17 -9.11
N VAL A 76 8.35 0.98 -8.64
CA VAL A 76 7.51 0.09 -7.87
C VAL A 76 7.03 0.74 -6.55
N ASP A 77 7.80 1.72 -6.01
CA ASP A 77 7.39 2.50 -4.83
C ASP A 77 6.15 3.38 -5.11
N ASN A 78 5.70 3.49 -6.37
CA ASN A 78 4.55 4.30 -6.72
C ASN A 78 3.48 3.46 -7.44
N PRO A 79 2.27 3.30 -6.87
CA PRO A 79 1.81 3.84 -5.58
C PRO A 79 2.35 3.11 -4.33
N GLY A 80 2.91 1.92 -4.52
CA GLY A 80 3.50 1.15 -3.44
C GLY A 80 2.61 0.09 -2.79
N ASN A 81 3.22 -0.85 -2.05
CA ASN A 81 2.57 -1.93 -1.32
C ASN A 81 3.43 -2.23 -0.08
N PRO A 82 2.81 -2.46 1.09
CA PRO A 82 3.62 -2.73 2.28
C PRO A 82 4.45 -4.01 2.23
N HIS A 83 4.14 -4.93 1.32
CA HIS A 83 4.84 -6.20 1.24
C HIS A 83 5.81 -6.31 0.08
N VAL A 84 6.31 -5.19 -0.37
CA VAL A 84 7.29 -5.10 -1.44
C VAL A 84 8.37 -4.11 -0.94
N CYS A 85 9.65 -4.48 -1.03
CA CYS A 85 10.74 -3.60 -0.61
C CYS A 85 10.86 -2.35 -1.50
N ARG A 86 11.55 -1.32 -0.99
CA ARG A 86 11.75 -0.04 -1.64
C ARG A 86 13.22 0.22 -1.92
N LEU A 87 13.61 0.33 -3.20
CA LEU A 87 14.98 0.69 -3.54
C LEU A 87 15.16 2.17 -3.22
N LEU A 88 15.98 2.48 -2.21
CA LEU A 88 16.25 3.85 -1.80
C LEU A 88 17.23 4.57 -2.72
N GLY A 89 18.14 3.85 -3.35
CA GLY A 89 19.13 4.43 -4.23
C GLY A 89 20.11 3.45 -4.82
N ILE A 90 20.93 3.94 -5.73
CA ILE A 90 21.93 3.12 -6.41
C ILE A 90 23.23 3.88 -6.49
N CYS A 91 24.33 3.19 -6.23
CA CYS A 91 25.65 3.77 -6.33
C CYS A 91 26.45 3.01 -7.38
N LEU A 92 26.74 3.65 -8.52
CA LEU A 92 27.48 3.00 -9.58
C LEU A 92 28.93 3.41 -9.67
N THR A 93 29.83 2.52 -9.31
CA THR A 93 31.28 2.70 -9.46
C THR A 93 31.71 1.49 -10.36
N SER A 94 32.81 0.74 -10.03
CA SER A 94 33.17 -0.47 -10.75
C SER A 94 32.11 -1.56 -10.50
N THR A 95 31.38 -1.49 -9.37
CA THR A 95 30.31 -2.42 -8.99
C THR A 95 28.97 -1.68 -8.87
N VAL A 96 27.87 -2.43 -8.82
CA VAL A 96 26.55 -1.88 -8.60
C VAL A 96 26.27 -1.99 -7.12
N GLN A 97 25.84 -0.91 -6.48
CA GLN A 97 25.48 -0.94 -5.06
C GLN A 97 24.02 -0.55 -4.94
N LEU A 98 23.19 -1.41 -4.36
CA LEU A 98 21.77 -1.13 -4.21
C LEU A 98 21.50 -0.83 -2.73
N ILE A 99 20.72 0.22 -2.43
CA ILE A 99 20.46 0.60 -1.04
C ILE A 99 18.97 0.51 -0.71
N THR A 100 18.63 -0.06 0.46
CA THR A 100 17.27 -0.17 0.99
C THR A 100 17.29 0.03 2.51
N GLN A 101 16.11 0.20 3.14
CA GLN A 101 15.98 0.29 4.58
C GLN A 101 16.39 -1.08 5.16
N LEU A 102 17.13 -1.07 6.26
CA LEU A 102 17.58 -2.31 6.88
C LEU A 102 16.42 -3.10 7.50
N MET A 103 16.25 -4.40 7.11
CA MET A 103 15.25 -5.34 7.66
C MET A 103 16.01 -6.09 8.75
N PRO A 104 15.76 -5.74 10.02
CA PRO A 104 16.60 -6.26 11.11
C PRO A 104 16.53 -7.77 11.37
N PHE A 105 15.44 -8.43 10.97
CA PHE A 105 15.33 -9.86 11.20
C PHE A 105 15.80 -10.73 10.04
N GLY A 106 16.42 -10.14 9.01
CA GLY A 106 16.92 -10.89 7.88
C GLY A 106 15.84 -11.47 7.00
N CYS A 107 16.14 -12.54 6.27
CA CYS A 107 15.17 -13.16 5.38
C CYS A 107 14.33 -14.21 6.09
N LEU A 108 13.13 -14.44 5.56
CA LEU A 108 12.16 -15.38 6.08
C LEU A 108 12.68 -16.81 6.14
N LEU A 109 13.53 -17.20 5.18
CA LEU A 109 14.14 -18.53 5.15
C LEU A 109 14.98 -18.80 6.41
N ASP A 110 15.91 -17.90 6.74
CA ASP A 110 16.73 -18.07 7.93
C ASP A 110 15.88 -17.98 9.19
N TYR A 111 14.89 -17.08 9.20
CA TYR A 111 13.98 -16.87 10.32
C TYR A 111 13.21 -18.11 10.69
N VAL A 112 12.60 -18.82 9.70
CA VAL A 112 11.83 -20.03 9.99
C VAL A 112 12.73 -21.18 10.44
N ARG A 113 13.97 -21.25 9.92
CA ARG A 113 14.91 -22.29 10.34
C ARG A 113 15.35 -22.04 11.78
N GLU A 114 15.62 -20.78 12.13
CA GLU A 114 16.08 -20.45 13.47
C GLU A 114 14.96 -20.43 14.51
N HIS A 115 13.69 -20.21 14.10
CA HIS A 115 12.60 -20.10 15.08
C HIS A 115 11.53 -21.19 14.99
N LYS A 116 11.82 -22.29 14.28
CA LYS A 116 10.96 -23.45 14.04
C LYS A 116 9.95 -23.81 15.17
N ASP A 117 10.41 -24.11 16.41
CA ASP A 117 9.49 -24.52 17.48
C ASP A 117 8.66 -23.39 18.11
N ASN A 118 8.78 -22.17 17.60
CA ASN A 118 8.02 -21.03 18.11
C ASN A 118 7.10 -20.38 17.09
N ILE A 119 7.01 -20.94 15.87
CA ILE A 119 6.15 -20.42 14.83
C ILE A 119 4.85 -21.21 14.83
N GLY A 120 3.75 -20.50 15.04
CA GLY A 120 2.43 -21.09 15.02
C GLY A 120 1.74 -20.91 13.68
N SER A 121 0.61 -21.60 13.48
CA SER A 121 -0.17 -21.58 12.23
C SER A 121 -0.59 -20.19 11.80
N GLN A 122 -0.88 -19.30 12.76
CA GLN A 122 -1.30 -17.93 12.49
C GLN A 122 -0.24 -17.17 11.70
N TYR A 123 1.03 -17.33 12.10
CA TYR A 123 2.18 -16.71 11.47
C TYR A 123 2.41 -17.21 10.05
N LEU A 124 2.46 -18.53 9.86
CA LEU A 124 2.71 -19.15 8.57
C LEU A 124 1.66 -18.75 7.53
N LEU A 125 0.37 -18.74 7.91
CA LEU A 125 -0.69 -18.39 6.98
C LEU A 125 -0.74 -16.91 6.66
N ASN A 126 -0.42 -16.04 7.64
CA ASN A 126 -0.39 -14.61 7.44
C ASN A 126 0.76 -14.23 6.50
N TRP A 127 1.92 -14.91 6.62
CA TRP A 127 3.05 -14.65 5.71
C TRP A 127 2.69 -15.05 4.29
N CYS A 128 1.96 -16.16 4.09
CA CYS A 128 1.51 -16.59 2.77
C CYS A 128 0.63 -15.51 2.12
N VAL A 129 -0.27 -14.90 2.91
CA VAL A 129 -1.15 -13.84 2.47
C VAL A 129 -0.33 -12.62 2.04
N GLN A 130 0.62 -12.23 2.89
CA GLN A 130 1.46 -11.08 2.65
C GLN A 130 2.31 -11.25 1.40
N ILE A 131 2.93 -12.41 1.21
CA ILE A 131 3.71 -12.67 0.00
C ILE A 131 2.82 -12.62 -1.26
N ALA A 132 1.58 -13.16 -1.18
CA ALA A 132 0.66 -13.10 -2.32
C ALA A 132 0.20 -11.66 -2.59
N LYS A 133 0.06 -10.84 -1.55
CA LYS A 133 -0.30 -9.43 -1.70
C LYS A 133 0.81 -8.62 -2.42
N GLY A 134 2.05 -8.89 -2.06
CA GLY A 134 3.18 -8.25 -2.69
C GLY A 134 3.34 -8.74 -4.11
N MET A 135 3.21 -10.04 -4.35
CA MET A 135 3.30 -10.60 -5.69
C MET A 135 2.19 -10.13 -6.60
N ASN A 136 0.97 -10.01 -6.05
CA ASN A 136 -0.16 -9.50 -6.79
C ASN A 136 0.03 -8.02 -7.17
N TYR A 137 0.75 -7.26 -6.32
CA TYR A 137 1.04 -5.86 -6.59
C TYR A 137 2.06 -5.75 -7.72
N LEU A 138 3.11 -6.60 -7.71
CA LEU A 138 4.09 -6.63 -8.78
C LEU A 138 3.44 -7.00 -10.12
N GLU A 139 2.45 -7.90 -10.10
CA GLU A 139 1.70 -8.27 -11.30
C GLU A 139 0.87 -7.07 -11.82
N ASP A 140 0.32 -6.26 -10.89
CA ASP A 140 -0.41 -5.03 -11.21
C ASP A 140 0.54 -4.01 -11.90
N ARG A 141 1.80 -3.95 -11.46
CA ARG A 141 2.82 -3.09 -12.05
C ARG A 141 3.43 -3.67 -13.32
N ARG A 142 2.95 -4.84 -13.81
CA ARG A 142 3.45 -5.55 -14.99
C ARG A 142 4.91 -5.98 -14.80
N LEU A 143 5.29 -6.41 -13.60
CA LEU A 143 6.66 -6.78 -13.31
C LEU A 143 6.75 -8.26 -12.93
N VAL A 144 7.51 -9.03 -13.70
CA VAL A 144 7.72 -10.44 -13.40
C VAL A 144 8.96 -10.50 -12.48
N HIS A 145 8.83 -11.11 -11.30
CA HIS A 145 9.94 -11.18 -10.35
C HIS A 145 11.10 -12.06 -10.87
N ARG A 146 10.78 -13.31 -11.31
CA ARG A 146 11.71 -14.32 -11.83
C ARG A 146 12.50 -15.08 -10.77
N ASP A 147 12.50 -14.61 -9.51
CA ASP A 147 13.27 -15.29 -8.47
C ASP A 147 12.60 -15.20 -7.10
N LEU A 148 11.29 -15.50 -7.04
CA LEU A 148 10.59 -15.52 -5.75
C LEU A 148 11.02 -16.80 -5.02
N ALA A 149 11.50 -16.64 -3.80
CA ALA A 149 11.95 -17.73 -2.92
C ALA A 149 11.91 -17.21 -1.48
N ALA A 150 11.90 -18.10 -0.49
CA ALA A 150 11.85 -17.66 0.92
C ALA A 150 13.11 -16.83 1.29
N ARG A 151 14.24 -17.02 0.57
CA ARG A 151 15.43 -16.21 0.80
C ARG A 151 15.23 -14.75 0.30
N ASN A 152 14.26 -14.52 -0.61
CA ASN A 152 13.94 -13.21 -1.14
C ASN A 152 12.72 -12.55 -0.48
N VAL A 153 12.34 -13.02 0.71
CA VAL A 153 11.29 -12.43 1.50
C VAL A 153 11.99 -11.99 2.76
N LEU A 154 11.93 -10.72 3.08
CA LEU A 154 12.58 -10.17 4.26
C LEU A 154 11.61 -9.92 5.39
N VAL A 155 12.10 -10.01 6.60
CA VAL A 155 11.29 -9.84 7.79
C VAL A 155 11.56 -8.45 8.38
N LYS A 156 10.58 -7.54 8.30
CA LYS A 156 10.69 -6.21 8.90
C LYS A 156 10.43 -6.44 10.40
N THR A 157 9.27 -7.06 10.72
CA THR A 157 8.86 -7.54 12.04
C THR A 157 8.29 -8.95 11.79
N PRO A 158 8.24 -9.83 12.81
CA PRO A 158 7.68 -11.17 12.58
C PRO A 158 6.28 -11.19 11.96
N GLN A 159 5.50 -10.11 12.14
CA GLN A 159 4.16 -10.08 11.56
C GLN A 159 4.07 -9.17 10.30
N HIS A 160 5.20 -8.83 9.68
CA HIS A 160 5.26 -7.97 8.49
C HIS A 160 6.44 -8.38 7.58
N VAL A 161 6.17 -9.07 6.47
CA VAL A 161 7.20 -9.51 5.54
C VAL A 161 7.13 -8.73 4.21
N LYS A 162 8.27 -8.60 3.52
CA LYS A 162 8.38 -7.85 2.28
C LYS A 162 9.18 -8.64 1.25
N ILE A 163 8.78 -8.58 -0.01
CA ILE A 163 9.50 -9.24 -1.10
C ILE A 163 10.61 -8.34 -1.61
N THR A 164 11.80 -8.89 -1.78
CA THR A 164 12.96 -8.17 -2.30
C THR A 164 13.48 -8.82 -3.61
N ASP A 165 14.49 -8.20 -4.26
CA ASP A 165 15.19 -8.69 -5.44
C ASP A 165 14.34 -8.76 -6.70
N PHE A 166 13.23 -8.00 -6.76
CA PHE A 166 12.43 -7.93 -7.98
C PHE A 166 13.23 -7.08 -8.99
N GLY A 167 13.30 -7.52 -10.24
CA GLY A 167 14.05 -6.78 -11.26
C GLY A 167 15.56 -7.00 -11.22
N LEU A 168 16.07 -7.67 -10.18
CA LEU A 168 17.51 -7.91 -10.05
C LEU A 168 18.01 -8.92 -11.11
N ALA A 169 17.15 -9.86 -11.53
CA ALA A 169 17.50 -10.82 -12.56
C ALA A 169 17.64 -10.10 -13.91
N LYS A 170 16.70 -9.19 -14.24
CA LYS A 170 16.78 -8.42 -15.48
C LYS A 170 18.00 -7.49 -15.52
N LEU A 171 18.43 -7.00 -14.36
CA LEU A 171 19.60 -6.14 -14.26
C LEU A 171 20.88 -6.91 -14.58
N LEU A 172 20.94 -8.19 -14.18
CA LEU A 172 22.12 -9.01 -14.41
C LEU A 172 22.21 -9.62 -15.81
N GLY A 173 21.07 -9.82 -16.45
CA GLY A 173 21.02 -10.41 -17.79
C GLY A 173 20.61 -11.87 -17.75
N LYS A 185 24.36 -19.20 -10.44
CA LYS A 185 23.53 -20.39 -10.25
C LYS A 185 22.05 -20.10 -10.49
N VAL A 186 21.45 -20.77 -11.49
CA VAL A 186 20.04 -20.63 -11.85
C VAL A 186 19.17 -21.38 -10.83
N PRO A 187 18.07 -20.77 -10.32
CA PRO A 187 17.26 -21.45 -9.28
C PRO A 187 16.23 -22.44 -9.85
N ILE A 188 16.72 -23.50 -10.49
CA ILE A 188 15.94 -24.57 -11.13
C ILE A 188 14.83 -25.15 -10.24
N LYS A 189 15.14 -25.37 -8.95
CA LYS A 189 14.20 -25.96 -8.01
C LYS A 189 13.04 -25.05 -7.57
N TRP A 190 13.01 -23.81 -8.05
CA TRP A 190 11.93 -22.85 -7.81
C TRP A 190 11.19 -22.46 -9.10
N MET A 191 11.77 -22.78 -10.27
CA MET A 191 11.26 -22.45 -11.57
C MET A 191 10.18 -23.38 -12.08
N ALA A 192 9.23 -22.80 -12.80
CA ALA A 192 8.18 -23.54 -13.47
C ALA A 192 8.81 -24.34 -14.63
N LEU A 193 8.19 -25.45 -15.02
CA LEU A 193 8.71 -26.30 -16.09
C LEU A 193 8.98 -25.52 -17.39
N GLU A 194 8.11 -24.57 -17.76
CA GLU A 194 8.27 -23.78 -19.00
C GLU A 194 9.46 -22.82 -18.93
N SER A 195 9.84 -22.39 -17.71
CA SER A 195 11.01 -21.52 -17.53
C SER A 195 12.29 -22.35 -17.64
N ILE A 196 12.29 -23.59 -17.16
CA ILE A 196 13.45 -24.47 -17.25
C ILE A 196 13.71 -24.85 -18.71
N LEU A 197 12.67 -25.24 -19.43
CA LEU A 197 12.78 -25.70 -20.81
C LEU A 197 12.91 -24.63 -21.85
N HIS A 198 12.26 -23.47 -21.67
CA HIS A 198 12.25 -22.44 -22.71
C HIS A 198 12.58 -21.04 -22.27
N ARG A 199 12.98 -20.86 -21.00
CA ARG A 199 13.28 -19.54 -20.44
C ARG A 199 12.09 -18.58 -20.55
N ILE A 200 10.87 -19.13 -20.40
CA ILE A 200 9.64 -18.34 -20.44
C ILE A 200 9.30 -17.89 -19.02
N TYR A 201 9.27 -16.58 -18.80
CA TYR A 201 8.95 -16.03 -17.49
C TYR A 201 7.71 -15.15 -17.56
N THR A 202 6.69 -15.51 -16.79
CA THR A 202 5.42 -14.81 -16.74
C THR A 202 4.98 -14.66 -15.26
N HIS A 203 3.83 -14.00 -15.01
CA HIS A 203 3.29 -13.94 -13.66
C HIS A 203 2.82 -15.34 -13.22
N GLN A 204 2.50 -16.25 -14.19
CA GLN A 204 2.10 -17.60 -13.87
C GLN A 204 3.28 -18.49 -13.51
N SER A 205 4.48 -18.22 -14.04
CA SER A 205 5.68 -18.94 -13.61
C SER A 205 6.11 -18.46 -12.20
N ASP A 206 5.76 -17.21 -11.81
CA ASP A 206 5.98 -16.67 -10.47
C ASP A 206 5.05 -17.39 -9.47
N VAL A 207 3.85 -17.80 -9.92
CA VAL A 207 2.87 -18.55 -9.12
C VAL A 207 3.48 -19.88 -8.73
N TRP A 208 4.20 -20.55 -9.67
CA TRP A 208 4.91 -21.78 -9.40
C TRP A 208 5.95 -21.55 -8.27
N SER A 209 6.80 -20.51 -8.39
CA SER A 209 7.81 -20.14 -7.38
C SER A 209 7.18 -19.80 -6.03
N TYR A 210 5.97 -19.24 -6.06
CA TYR A 210 5.22 -18.93 -4.86
C TYR A 210 4.83 -20.22 -4.14
N GLY A 211 4.45 -21.26 -4.89
CA GLY A 211 4.12 -22.57 -4.33
C GLY A 211 5.32 -23.22 -3.65
N VAL A 212 6.51 -23.09 -4.27
CA VAL A 212 7.75 -23.61 -3.71
C VAL A 212 8.14 -22.82 -2.45
N THR A 213 7.86 -21.50 -2.43
CA THR A 213 8.12 -20.62 -1.28
C THR A 213 7.21 -20.98 -0.11
N VAL A 214 5.94 -21.27 -0.37
CA VAL A 214 4.99 -21.71 0.66
C VAL A 214 5.45 -23.05 1.22
N TRP A 215 5.91 -23.97 0.34
CA TRP A 215 6.44 -25.28 0.72
C TRP A 215 7.67 -25.13 1.62
N GLU A 216 8.54 -24.15 1.34
CA GLU A 216 9.71 -23.88 2.18
C GLU A 216 9.26 -23.44 3.56
N LEU A 217 8.22 -22.60 3.66
CA LEU A 217 7.74 -22.10 4.94
C LEU A 217 7.07 -23.18 5.76
N MET A 218 6.23 -24.01 5.11
CA MET A 218 5.51 -25.10 5.74
C MET A 218 6.43 -26.21 6.22
N THR A 219 7.63 -26.36 5.61
CA THR A 219 8.63 -27.34 6.05
C THR A 219 9.67 -26.74 7.00
N PHE A 220 9.53 -25.45 7.36
CA PHE A 220 10.40 -24.68 8.25
C PHE A 220 11.80 -24.51 7.69
N GLY A 221 11.89 -24.31 6.39
CA GLY A 221 13.16 -24.04 5.74
C GLY A 221 13.85 -25.23 5.10
N SER A 222 13.11 -26.30 4.77
CA SER A 222 13.71 -27.45 4.12
C SER A 222 14.15 -27.11 2.70
N LYS A 223 15.16 -27.82 2.19
CA LYS A 223 15.66 -27.60 0.84
C LYS A 223 14.84 -28.43 -0.14
N PRO A 224 14.23 -27.76 -1.15
CA PRO A 224 13.39 -28.49 -2.11
C PRO A 224 14.13 -29.49 -2.98
N TYR A 225 13.59 -30.72 -3.14
CA TYR A 225 14.20 -31.81 -3.91
C TYR A 225 15.64 -32.07 -3.44
N ASP A 226 15.85 -32.22 -2.14
CA ASP A 226 17.19 -32.40 -1.58
C ASP A 226 17.87 -33.68 -2.05
N GLY A 227 19.07 -33.55 -2.60
CA GLY A 227 19.83 -34.69 -3.10
C GLY A 227 19.69 -34.91 -4.60
N ILE A 228 18.55 -34.48 -5.16
CA ILE A 228 18.29 -34.59 -6.60
C ILE A 228 19.09 -33.52 -7.31
N PRO A 229 19.93 -33.89 -8.30
CA PRO A 229 20.69 -32.86 -9.03
C PRO A 229 19.78 -31.95 -9.84
N ALA A 230 20.16 -30.67 -10.02
CA ALA A 230 19.33 -29.72 -10.78
C ALA A 230 19.10 -30.15 -12.21
N SER A 231 20.04 -30.91 -12.80
CA SER A 231 19.91 -31.42 -14.16
C SER A 231 18.77 -32.43 -14.32
N GLU A 232 18.30 -33.05 -13.22
CA GLU A 232 17.23 -34.05 -13.29
C GLU A 232 15.84 -33.51 -12.94
N ILE A 233 15.73 -32.25 -12.50
CA ILE A 233 14.48 -31.64 -12.08
C ILE A 233 13.39 -31.63 -13.18
N SER A 234 13.74 -31.21 -14.41
CA SER A 234 12.78 -31.14 -15.51
C SER A 234 12.15 -32.50 -15.85
N SER A 235 12.94 -33.57 -15.87
CA SER A 235 12.41 -34.91 -16.16
C SER A 235 11.55 -35.44 -15.01
N ILE A 236 11.90 -35.10 -13.77
CA ILE A 236 11.15 -35.51 -12.60
C ILE A 236 9.76 -34.83 -12.61
N LEU A 237 9.70 -33.55 -13.04
CA LEU A 237 8.45 -32.82 -13.13
C LEU A 237 7.56 -33.38 -14.24
N GLU A 238 8.16 -33.80 -15.35
CA GLU A 238 7.42 -34.40 -16.46
C GLU A 238 6.80 -35.77 -16.07
N LYS A 239 7.39 -36.47 -15.10
CA LYS A 239 6.85 -37.74 -14.58
C LYS A 239 5.70 -37.54 -13.55
N GLY A 240 5.41 -36.30 -13.18
CA GLY A 240 4.34 -35.99 -12.24
C GLY A 240 4.74 -35.92 -10.78
N GLU A 241 6.04 -35.97 -10.50
CA GLU A 241 6.56 -35.91 -9.15
C GLU A 241 6.63 -34.46 -8.72
N ARG A 242 6.07 -34.15 -7.56
CA ARG A 242 6.07 -32.79 -7.02
C ARG A 242 6.68 -32.80 -5.60
N LEU A 243 6.84 -31.62 -4.97
CA LEU A 243 7.35 -31.54 -3.60
C LEU A 243 6.36 -32.25 -2.66
N PRO A 244 6.86 -33.07 -1.73
CA PRO A 244 5.96 -33.84 -0.86
C PRO A 244 5.08 -32.99 0.06
N GLN A 245 3.96 -33.55 0.53
CA GLN A 245 3.08 -32.84 1.43
C GLN A 245 3.76 -32.65 2.80
N PRO A 246 3.97 -31.39 3.24
CA PRO A 246 4.63 -31.19 4.55
C PRO A 246 3.79 -31.75 5.71
N PRO A 247 4.45 -32.29 6.75
CA PRO A 247 3.71 -32.90 7.88
C PRO A 247 2.60 -32.05 8.53
N ILE A 248 2.82 -30.73 8.65
CA ILE A 248 1.85 -29.84 9.30
C ILE A 248 0.65 -29.49 8.43
N CYS A 249 0.73 -29.71 7.11
CA CYS A 249 -0.35 -29.32 6.20
C CYS A 249 -1.48 -30.29 6.14
N THR A 250 -2.70 -29.75 6.09
CA THR A 250 -3.88 -30.57 5.82
C THR A 250 -3.95 -30.72 4.28
N ILE A 251 -4.88 -31.54 3.76
CA ILE A 251 -5.01 -31.70 2.31
C ILE A 251 -5.44 -30.40 1.63
N ASP A 252 -6.19 -29.53 2.34
CA ASP A 252 -6.67 -28.24 1.83
C ASP A 252 -5.52 -27.28 1.51
N VAL A 253 -4.49 -27.26 2.36
CA VAL A 253 -3.34 -26.41 2.12
C VAL A 253 -2.46 -26.98 1.02
N TYR A 254 -2.22 -28.29 1.08
CA TYR A 254 -1.40 -28.96 0.07
C TYR A 254 -1.97 -28.85 -1.33
N MET A 255 -3.29 -28.91 -1.47
CA MET A 255 -3.92 -28.78 -2.77
C MET A 255 -3.70 -27.44 -3.42
N ILE A 256 -3.55 -26.37 -2.61
CA ILE A 256 -3.28 -25.03 -3.12
C ILE A 256 -1.86 -24.98 -3.69
N MET A 257 -0.84 -25.51 -2.95
CA MET A 257 0.54 -25.55 -3.47
C MET A 257 0.59 -26.42 -4.74
N ARG A 258 -0.11 -27.56 -4.72
CA ARG A 258 -0.20 -28.50 -5.83
C ARG A 258 -0.77 -27.83 -7.09
N LYS A 259 -1.76 -26.92 -6.96
CA LYS A 259 -2.31 -26.20 -8.12
C LYS A 259 -1.32 -25.17 -8.69
N CYS A 260 -0.40 -24.64 -7.85
CA CYS A 260 0.68 -23.75 -8.30
C CYS A 260 1.66 -24.49 -9.23
N TRP A 261 1.72 -25.84 -9.14
CA TRP A 261 2.65 -26.66 -9.87
C TRP A 261 2.00 -27.40 -11.04
N MET A 262 1.04 -26.78 -11.68
CA MET A 262 0.41 -27.36 -12.86
C MET A 262 1.27 -27.10 -14.10
N ILE A 263 1.25 -28.04 -15.07
CA ILE A 263 2.00 -27.91 -16.32
C ILE A 263 1.46 -26.70 -17.10
N ASP A 264 0.13 -26.61 -17.23
CA ASP A 264 -0.51 -25.48 -17.92
C ASP A 264 -0.48 -24.26 -17.02
N ALA A 265 0.26 -23.22 -17.42
CA ALA A 265 0.43 -22.00 -16.64
C ALA A 265 -0.88 -21.27 -16.39
N ASP A 266 -1.79 -21.24 -17.38
CA ASP A 266 -3.09 -20.58 -17.25
C ASP A 266 -4.05 -21.28 -16.30
N SER A 267 -3.80 -22.56 -15.98
CA SER A 267 -4.63 -23.29 -15.02
C SER A 267 -4.19 -23.04 -13.56
N ARG A 268 -2.97 -22.52 -13.34
CA ARG A 268 -2.48 -22.21 -12.00
C ARG A 268 -3.30 -21.06 -11.41
N PRO A 269 -3.52 -21.05 -10.09
CA PRO A 269 -4.26 -19.93 -9.48
C PRO A 269 -3.57 -18.58 -9.71
N LYS A 270 -4.34 -17.51 -9.60
CA LYS A 270 -3.81 -16.16 -9.71
C LYS A 270 -3.48 -15.67 -8.30
N PHE A 271 -2.55 -14.71 -8.18
CA PHE A 271 -2.19 -14.16 -6.86
C PHE A 271 -3.40 -13.57 -6.13
N ARG A 272 -4.32 -12.97 -6.89
CA ARG A 272 -5.57 -12.42 -6.39
C ARG A 272 -6.42 -13.51 -5.69
N GLU A 273 -6.46 -14.73 -6.27
CA GLU A 273 -7.18 -15.89 -5.74
C GLU A 273 -6.46 -16.48 -4.54
N LEU A 274 -5.12 -16.58 -4.62
CA LEU A 274 -4.29 -17.06 -3.53
C LEU A 274 -4.46 -16.18 -2.28
N ILE A 275 -4.69 -14.87 -2.45
CA ILE A 275 -4.91 -13.96 -1.32
C ILE A 275 -6.20 -14.38 -0.62
N ILE A 276 -7.27 -14.59 -1.39
CA ILE A 276 -8.55 -14.99 -0.87
C ILE A 276 -8.49 -16.34 -0.16
N GLU A 277 -7.88 -17.37 -0.79
CA GLU A 277 -7.76 -18.70 -0.17
C GLU A 277 -6.98 -18.67 1.15
N PHE A 278 -5.76 -18.14 1.14
CA PHE A 278 -4.96 -18.06 2.36
C PHE A 278 -5.56 -17.13 3.41
N SER A 279 -6.35 -16.12 2.99
CA SER A 279 -7.01 -15.22 3.93
C SER A 279 -8.12 -15.96 4.68
N LYS A 280 -8.84 -16.86 4.00
CA LYS A 280 -9.88 -17.68 4.60
C LYS A 280 -9.25 -18.62 5.64
N MET A 281 -8.13 -19.24 5.29
CA MET A 281 -7.40 -20.14 6.18
C MET A 281 -6.81 -19.44 7.39
N ALA A 282 -6.33 -18.20 7.22
CA ALA A 282 -5.77 -17.44 8.33
C ALA A 282 -6.86 -17.03 9.35
N ARG A 283 -8.14 -17.04 8.97
CA ARG A 283 -9.24 -16.75 9.90
C ARG A 283 -9.49 -17.91 10.87
N ASP A 284 -9.13 -19.15 10.49
CA ASP A 284 -9.24 -20.34 11.36
C ASP A 284 -7.97 -21.18 11.15
N PRO A 285 -6.79 -20.73 11.64
CA PRO A 285 -5.53 -21.41 11.27
C PRO A 285 -5.31 -22.83 11.83
N GLN A 286 -5.87 -23.16 12.99
CA GLN A 286 -5.69 -24.50 13.56
C GLN A 286 -6.44 -25.59 12.77
N ARG A 287 -7.39 -25.20 11.91
CA ARG A 287 -8.14 -26.10 11.04
C ARG A 287 -7.33 -26.50 9.79
N TYR A 288 -6.33 -25.69 9.39
CA TYR A 288 -5.56 -25.90 8.18
C TYR A 288 -4.12 -26.33 8.41
N LEU A 289 -3.53 -25.92 9.53
CA LEU A 289 -2.18 -26.32 9.88
C LEU A 289 -2.18 -26.96 11.27
N VAL A 290 -1.60 -28.15 11.38
CA VAL A 290 -1.52 -28.88 12.64
C VAL A 290 -0.09 -28.77 13.19
N ILE A 291 0.14 -27.86 14.13
CA ILE A 291 1.46 -27.64 14.68
C ILE A 291 1.51 -27.92 16.18
N GLN A 292 2.52 -28.65 16.67
CA GLN A 292 2.67 -28.92 18.11
C GLN A 292 3.06 -27.57 18.76
N GLY A 293 2.28 -27.12 19.73
CA GLY A 293 2.54 -25.81 20.34
C GLY A 293 1.43 -24.79 20.12
N ASP A 294 0.55 -25.05 19.14
CA ASP A 294 -0.64 -24.24 18.91
C ASP A 294 -1.80 -24.64 19.86
N GLU A 295 -1.64 -25.69 20.69
CA GLU A 295 -2.66 -26.10 21.63
C GLU A 295 -2.59 -25.26 22.91
N ARG A 296 -2.65 -23.93 22.75
CA ARG A 296 -2.62 -22.98 23.86
C ARG A 296 -4.03 -22.65 24.36
N ALA B 9 -11.72 -5.53 -5.95
CA ALA B 9 -12.49 -6.54 -5.22
C ALA B 9 -13.97 -6.57 -5.64
N LEU B 10 -14.66 -7.71 -5.41
CA LEU B 10 -16.09 -7.82 -5.72
C LEU B 10 -16.89 -7.01 -4.68
N LEU B 11 -18.06 -6.53 -5.10
CA LEU B 11 -18.91 -5.73 -4.23
C LEU B 11 -19.94 -6.60 -3.54
N ARG B 12 -20.00 -6.52 -2.22
CA ARG B 12 -20.98 -7.29 -1.46
C ARG B 12 -22.29 -6.53 -1.33
N ILE B 13 -23.39 -7.18 -1.71
CA ILE B 13 -24.71 -6.60 -1.57
C ILE B 13 -25.25 -7.13 -0.25
N LEU B 14 -25.37 -6.27 0.75
CA LEU B 14 -25.81 -6.66 2.07
C LEU B 14 -27.33 -6.54 2.24
N LYS B 15 -27.88 -7.27 3.21
CA LYS B 15 -29.29 -7.23 3.56
C LYS B 15 -29.43 -6.52 4.91
N GLU B 16 -30.58 -5.91 5.20
CA GLU B 16 -30.81 -5.24 6.48
C GLU B 16 -30.68 -6.18 7.69
N THR B 17 -30.97 -7.48 7.49
CA THR B 17 -30.85 -8.52 8.50
C THR B 17 -29.40 -8.83 8.86
N GLU B 18 -28.46 -8.67 7.90
CA GLU B 18 -27.03 -8.95 8.07
C GLU B 18 -26.35 -8.03 9.05
N PHE B 19 -26.81 -6.80 9.14
CA PHE B 19 -26.19 -5.81 10.02
C PHE B 19 -27.20 -5.09 10.89
N LYS B 20 -26.73 -4.58 12.03
CA LYS B 20 -27.57 -3.83 12.94
C LYS B 20 -26.97 -2.45 13.20
N LYS B 21 -27.82 -1.43 13.37
CA LYS B 21 -27.37 -0.07 13.67
C LYS B 21 -27.43 0.10 15.19
N ILE B 22 -26.32 0.49 15.82
CA ILE B 22 -26.26 0.61 17.29
C ILE B 22 -26.50 2.06 17.76
N LYS B 23 -25.68 3.02 17.32
CA LYS B 23 -25.85 4.42 17.71
C LYS B 23 -25.51 5.40 16.59
N VAL B 24 -26.05 6.61 16.64
CA VAL B 24 -25.77 7.63 15.64
C VAL B 24 -24.42 8.30 15.95
N LEU B 25 -23.55 8.40 14.94
CA LEU B 25 -22.25 9.05 15.06
C LEU B 25 -22.34 10.51 14.63
N GLY B 26 -23.10 10.78 13.57
CA GLY B 26 -23.29 12.11 13.04
C GLY B 26 -24.52 12.22 12.14
N SER B 27 -24.99 13.44 11.92
CA SER B 27 -26.15 13.72 11.06
C SER B 27 -25.85 14.89 10.08
N GLY B 28 -26.78 15.18 9.18
CA GLY B 28 -26.60 16.26 8.22
C GLY B 28 -27.66 16.29 7.14
N ALA B 29 -27.45 17.12 6.11
CA ALA B 29 -28.37 17.20 4.98
C ALA B 29 -28.21 15.95 4.09
N PHE B 30 -26.97 15.40 4.01
CA PHE B 30 -26.59 14.19 3.26
C PHE B 30 -27.32 12.93 3.78
N GLY B 31 -27.61 12.90 5.07
CA GLY B 31 -28.20 11.74 5.71
C GLY B 31 -27.59 11.52 7.08
N THR B 32 -27.37 10.25 7.48
CA THR B 32 -26.86 9.92 8.81
C THR B 32 -25.74 8.85 8.80
N VAL B 33 -24.81 8.93 9.76
CA VAL B 33 -23.75 7.93 9.93
C VAL B 33 -24.01 7.16 11.24
N TYR B 34 -24.04 5.84 11.18
CA TYR B 34 -24.29 5.00 12.33
C TYR B 34 -23.11 4.11 12.66
N LYS B 35 -22.92 3.80 13.94
CA LYS B 35 -21.91 2.85 14.40
C LYS B 35 -22.71 1.57 14.53
N GLY B 36 -22.32 0.52 13.82
CA GLY B 36 -23.07 -0.72 13.85
C GLY B 36 -22.26 -1.99 13.97
N LEU B 37 -22.93 -3.12 13.78
CA LEU B 37 -22.28 -4.42 13.85
C LEU B 37 -22.75 -5.24 12.67
N TRP B 38 -21.81 -5.92 12.01
CA TRP B 38 -22.14 -6.75 10.86
C TRP B 38 -21.79 -8.22 11.11
N ILE B 39 -22.73 -9.10 10.79
CA ILE B 39 -22.59 -10.56 10.84
C ILE B 39 -22.65 -11.03 9.39
N PRO B 40 -21.48 -11.36 8.78
CA PRO B 40 -21.50 -11.80 7.38
C PRO B 40 -22.28 -13.10 7.22
N GLU B 41 -23.11 -13.18 6.15
CA GLU B 41 -24.00 -14.27 5.72
C GLU B 41 -23.83 -15.62 6.48
N GLY B 42 -22.64 -16.23 6.39
CA GLY B 42 -22.38 -17.49 7.08
C GLY B 42 -20.98 -17.60 7.65
N GLU B 43 -20.28 -16.47 7.77
CA GLU B 43 -18.92 -16.47 8.30
C GLU B 43 -18.86 -16.58 9.83
N LYS B 44 -19.98 -16.30 10.54
CA LYS B 44 -20.06 -16.32 12.01
C LYS B 44 -19.02 -15.37 12.64
N VAL B 45 -19.18 -14.06 12.41
CA VAL B 45 -18.25 -13.04 12.91
C VAL B 45 -18.97 -11.75 13.30
N LYS B 46 -18.37 -10.98 14.20
CA LYS B 46 -18.94 -9.71 14.64
C LYS B 46 -17.98 -8.60 14.21
N ILE B 47 -18.29 -7.95 13.07
CA ILE B 47 -17.43 -6.90 12.56
C ILE B 47 -17.97 -5.52 12.90
N PRO B 48 -17.22 -4.73 13.69
CA PRO B 48 -17.67 -3.37 14.00
C PRO B 48 -17.62 -2.53 12.74
N VAL B 49 -18.79 -2.06 12.27
CA VAL B 49 -18.84 -1.28 11.05
C VAL B 49 -19.39 0.15 11.25
N ALA B 50 -19.22 1.00 10.25
CA ALA B 50 -19.79 2.33 10.16
C ALA B 50 -20.73 2.27 8.94
N ILE B 51 -21.98 2.71 9.13
CA ILE B 51 -22.97 2.69 8.07
C ILE B 51 -23.36 4.11 7.69
N LYS B 52 -23.18 4.47 6.42
CA LYS B 52 -23.62 5.79 5.95
C LYS B 52 -24.94 5.64 5.23
N GLU B 53 -26.03 6.09 5.83
CA GLU B 53 -27.34 6.03 5.21
C GLU B 53 -27.63 7.37 4.52
N LEU B 54 -27.61 7.40 3.19
CA LEU B 54 -27.85 8.63 2.44
C LEU B 54 -29.33 8.97 2.43
N ARG B 55 -29.67 10.24 2.56
CA ARG B 55 -31.08 10.69 2.59
C ARG B 55 -31.78 10.26 1.28
N GLU B 56 -33.03 9.77 1.37
CA GLU B 56 -33.74 9.34 0.16
C GLU B 56 -33.82 10.41 -0.94
N ALA B 57 -33.70 10.00 -2.21
CA ALA B 57 -33.75 10.84 -3.41
C ALA B 57 -32.66 11.93 -3.42
N THR B 58 -31.48 11.61 -2.89
CA THR B 58 -30.33 12.52 -2.87
C THR B 58 -29.68 12.46 -4.27
N SER B 59 -29.45 11.23 -4.79
CA SER B 59 -28.87 11.00 -6.10
C SER B 59 -29.96 10.86 -7.17
N PRO B 60 -29.76 11.43 -8.36
CA PRO B 60 -30.75 11.25 -9.43
C PRO B 60 -30.68 9.91 -10.18
N LYS B 61 -29.66 9.10 -9.89
CA LYS B 61 -29.45 7.82 -10.55
C LYS B 61 -30.39 6.72 -10.09
N ALA B 62 -30.76 5.82 -11.01
CA ALA B 62 -31.56 4.64 -10.64
C ALA B 62 -30.64 3.63 -9.90
N ASN B 63 -31.22 2.66 -9.17
CA ASN B 63 -30.46 1.67 -8.41
C ASN B 63 -29.40 0.91 -9.23
N LYS B 64 -29.66 0.67 -10.52
CA LYS B 64 -28.70 -0.02 -11.38
C LYS B 64 -27.46 0.83 -11.59
N GLU B 65 -27.62 2.15 -11.87
CA GLU B 65 -26.49 3.07 -12.05
C GLU B 65 -25.73 3.36 -10.74
N ILE B 66 -26.44 3.25 -9.60
CA ILE B 66 -25.84 3.42 -8.27
C ILE B 66 -24.90 2.22 -8.04
N LEU B 67 -25.34 1.01 -8.41
CA LEU B 67 -24.57 -0.22 -8.28
C LEU B 67 -23.29 -0.16 -9.10
N ASP B 68 -23.33 0.42 -10.31
CA ASP B 68 -22.14 0.57 -11.14
C ASP B 68 -21.09 1.45 -10.45
N GLU B 69 -21.53 2.55 -9.82
CA GLU B 69 -20.64 3.47 -9.11
C GLU B 69 -20.03 2.78 -7.89
N ALA B 70 -20.84 2.00 -7.16
CA ALA B 70 -20.40 1.25 -5.99
C ALA B 70 -19.39 0.15 -6.38
N TYR B 71 -19.54 -0.44 -7.59
CA TYR B 71 -18.61 -1.45 -8.12
C TYR B 71 -17.22 -0.82 -8.30
N VAL B 72 -17.17 0.44 -8.77
CA VAL B 72 -15.93 1.21 -8.94
C VAL B 72 -15.30 1.53 -7.58
N MET B 73 -16.10 1.97 -6.60
CA MET B 73 -15.59 2.25 -5.25
C MET B 73 -14.98 0.99 -4.63
N ALA B 74 -15.60 -0.18 -4.87
CA ALA B 74 -15.14 -1.46 -4.34
C ALA B 74 -13.89 -1.99 -5.07
N SER B 75 -13.74 -1.67 -6.36
CA SER B 75 -12.58 -2.09 -7.16
C SER B 75 -11.24 -1.52 -6.65
N VAL B 76 -11.30 -0.37 -5.97
CA VAL B 76 -10.18 0.34 -5.35
C VAL B 76 -9.42 -0.57 -4.36
N ASP B 77 -10.09 -1.56 -3.76
CA ASP B 77 -9.46 -2.55 -2.86
C ASP B 77 -8.41 -3.41 -3.58
N ASN B 78 -8.35 -3.38 -4.91
CA ASN B 78 -7.39 -4.18 -5.66
C ASN B 78 -6.51 -3.31 -6.58
N PRO B 79 -5.17 -3.29 -6.38
CA PRO B 79 -4.39 -3.99 -5.35
C PRO B 79 -4.49 -3.43 -3.92
N GLY B 80 -4.94 -2.19 -3.80
N GLY B 80 -4.94 -2.19 -3.80
CA GLY B 80 -5.15 -1.57 -2.51
CA GLY B 80 -5.15 -1.57 -2.51
C GLY B 80 -4.06 -0.65 -2.03
C GLY B 80 -4.06 -0.65 -2.03
N ASN B 81 -4.38 0.11 -0.98
CA ASN B 81 -3.46 1.02 -0.33
C ASN B 81 -3.92 1.17 1.11
N PRO B 82 -3.00 1.13 2.09
CA PRO B 82 -3.43 1.25 3.49
C PRO B 82 -4.08 2.57 3.85
N HIS B 83 -3.92 3.61 3.03
CA HIS B 83 -4.45 4.93 3.35
C HIS B 83 -5.70 5.30 2.55
N VAL B 84 -6.43 4.30 2.11
CA VAL B 84 -7.67 4.46 1.38
C VAL B 84 -8.68 3.49 2.02
N CYS B 85 -9.88 3.98 2.37
CA CYS B 85 -10.91 3.12 2.96
C CYS B 85 -11.39 2.03 2.01
N ARG B 86 -12.06 1.02 2.57
CA ARG B 86 -12.52 -0.13 1.82
C ARG B 86 -14.02 -0.26 2.00
N LEU B 87 -14.77 -0.14 0.88
CA LEU B 87 -16.21 -0.30 0.91
C LEU B 87 -16.48 -1.78 1.06
N LEU B 88 -17.05 -2.19 2.20
CA LEU B 88 -17.34 -3.58 2.48
C LEU B 88 -18.61 -4.02 1.79
N GLY B 89 -19.63 -3.16 1.81
CA GLY B 89 -20.89 -3.49 1.18
C GLY B 89 -21.82 -2.32 0.94
N ILE B 90 -22.88 -2.61 0.22
CA ILE B 90 -23.91 -1.63 -0.06
C ILE B 90 -25.27 -2.28 0.14
N CYS B 91 -26.18 -1.55 0.79
CA CYS B 91 -27.54 -2.02 0.98
C CYS B 91 -28.48 -1.04 0.29
N LEU B 92 -29.11 -1.47 -0.82
CA LEU B 92 -30.03 -0.60 -1.54
C LEU B 92 -31.48 -0.91 -1.30
N THR B 93 -32.16 -0.02 -0.58
CA THR B 93 -33.61 -0.08 -0.40
C THR B 93 -34.08 1.29 -0.99
N SER B 94 -35.01 2.04 -0.37
CA SER B 94 -35.33 3.40 -0.85
C SER B 94 -34.15 4.36 -0.62
N THR B 95 -33.26 4.03 0.33
CA THR B 95 -32.04 4.78 0.61
C THR B 95 -30.78 3.94 0.24
N VAL B 96 -29.65 4.62 0.09
CA VAL B 96 -28.38 3.96 -0.16
C VAL B 96 -27.70 3.82 1.18
N GLN B 97 -27.24 2.62 1.51
CA GLN B 97 -26.49 2.41 2.75
C GLN B 97 -25.11 1.90 2.39
N LEU B 98 -24.07 2.62 2.80
CA LEU B 98 -22.70 2.23 2.50
C LEU B 98 -22.08 1.68 3.79
N ILE B 99 -21.46 0.50 3.71
CA ILE B 99 -20.89 -0.14 4.88
C ILE B 99 -19.36 -0.22 4.81
N THR B 100 -18.65 0.21 5.88
CA THR B 100 -17.20 0.10 5.97
C THR B 100 -16.77 -0.31 7.36
N GLN B 101 -15.52 -0.78 7.54
CA GLN B 101 -14.97 -1.07 8.84
C GLN B 101 -14.97 0.24 9.68
N LEU B 102 -15.42 0.16 10.92
CA LEU B 102 -15.45 1.33 11.80
C LEU B 102 -14.04 1.81 12.11
N MET B 103 -13.83 3.12 11.98
CA MET B 103 -12.59 3.79 12.35
C MET B 103 -12.90 4.37 13.73
N PRO B 104 -12.33 3.77 14.80
CA PRO B 104 -12.76 4.15 16.16
C PRO B 104 -12.43 5.55 16.62
N PHE B 105 -11.43 6.20 16.00
CA PHE B 105 -11.07 7.56 16.40
C PHE B 105 -11.74 8.65 15.58
N GLY B 106 -12.71 8.30 14.73
CA GLY B 106 -13.41 9.27 13.92
C GLY B 106 -12.57 9.91 12.83
N CYS B 107 -12.93 11.11 12.40
CA CYS B 107 -12.20 11.81 11.36
C CYS B 107 -11.06 12.64 11.93
N LEU B 108 -10.04 12.88 11.10
CA LEU B 108 -8.84 13.63 11.44
C LEU B 108 -9.14 15.06 11.86
N LEU B 109 -10.18 15.67 11.28
CA LEU B 109 -10.60 17.02 11.63
C LEU B 109 -11.00 17.13 13.11
N ASP B 110 -11.89 16.26 13.59
CA ASP B 110 -12.31 16.26 14.99
C ASP B 110 -11.15 15.88 15.90
N TYR B 111 -10.32 14.93 15.45
CA TYR B 111 -9.16 14.45 16.20
C TYR B 111 -8.15 15.56 16.50
N VAL B 112 -7.78 16.39 15.48
CA VAL B 112 -6.80 17.47 15.70
C VAL B 112 -7.38 18.57 16.58
N ARG B 113 -8.70 18.82 16.49
CA ARG B 113 -9.34 19.82 17.33
C ARG B 113 -9.37 19.34 18.78
N GLU B 114 -9.68 18.06 18.99
CA GLU B 114 -9.78 17.52 20.35
C GLU B 114 -8.40 17.28 20.99
N HIS B 115 -7.36 17.06 20.18
CA HIS B 115 -6.01 16.83 20.70
C HIS B 115 -5.03 17.95 20.37
N LYS B 116 -5.52 19.19 20.17
CA LYS B 116 -4.74 20.39 19.84
C LYS B 116 -3.37 20.47 20.56
N ASP B 117 -3.38 20.27 21.89
CA ASP B 117 -2.21 20.37 22.77
C ASP B 117 -1.37 19.09 22.90
N ASN B 118 -1.71 18.02 22.16
CA ASN B 118 -0.96 16.76 22.22
C ASN B 118 -0.40 16.33 20.86
N ILE B 119 -0.44 17.19 19.83
CA ILE B 119 0.06 16.81 18.51
C ILE B 119 1.35 17.51 18.15
N GLY B 120 2.39 16.72 17.97
CA GLY B 120 3.70 17.25 17.61
C GLY B 120 3.92 17.30 16.12
N SER B 121 5.09 17.80 15.69
CA SER B 121 5.44 17.92 14.28
C SER B 121 5.52 16.58 13.56
N GLN B 122 5.96 15.54 14.25
CA GLN B 122 6.11 14.20 13.69
C GLN B 122 4.78 13.65 13.18
N TYR B 123 3.69 13.79 13.95
CA TYR B 123 2.39 13.29 13.51
C TYR B 123 1.79 14.10 12.39
N LEU B 124 1.83 15.44 12.49
CA LEU B 124 1.29 16.29 11.43
C LEU B 124 1.92 16.01 10.06
N LEU B 125 3.26 15.85 10.02
CA LEU B 125 3.94 15.58 8.76
C LEU B 125 3.72 14.16 8.25
N ASN B 126 3.61 13.18 9.15
CA ASN B 126 3.34 11.79 8.78
C ASN B 126 1.94 11.64 8.20
N TRP B 127 0.96 12.39 8.76
CA TRP B 127 -0.41 12.36 8.24
C TRP B 127 -0.45 12.96 6.85
N CYS B 128 0.31 14.03 6.58
CA CYS B 128 0.39 14.65 5.25
C CYS B 128 0.90 13.64 4.23
N VAL B 129 1.91 12.85 4.60
CA VAL B 129 2.48 11.81 3.75
C VAL B 129 1.43 10.74 3.45
N GLN B 130 0.73 10.28 4.48
CA GLN B 130 -0.28 9.25 4.36
C GLN B 130 -1.42 9.69 3.48
N ILE B 131 -1.92 10.91 3.64
CA ILE B 131 -2.98 11.42 2.78
C ILE B 131 -2.51 11.52 1.33
N ALA B 132 -1.25 11.97 1.09
CA ALA B 132 -0.73 12.04 -0.28
C ALA B 132 -0.54 10.64 -0.88
N LYS B 133 -0.22 9.63 -0.05
CA LYS B 133 -0.07 8.25 -0.51
C LYS B 133 -1.40 7.67 -0.95
N GLY B 134 -2.45 7.95 -0.21
CA GLY B 134 -3.78 7.51 -0.55
C GLY B 134 -4.30 8.23 -1.78
N MET B 135 -4.07 9.55 -1.86
CA MET B 135 -4.50 10.33 -3.01
C MET B 135 -3.77 9.94 -4.27
N ASN B 136 -2.48 9.66 -4.15
CA ASN B 136 -1.65 9.21 -5.26
C ASN B 136 -2.11 7.83 -5.76
N TYR B 137 -2.64 6.98 -4.86
CA TYR B 137 -3.13 5.66 -5.21
C TYR B 137 -4.44 5.81 -5.99
N LEU B 138 -5.34 6.70 -5.55
CA LEU B 138 -6.59 6.97 -6.26
C LEU B 138 -6.30 7.52 -7.65
N GLU B 139 -5.26 8.35 -7.82
CA GLU B 139 -4.86 8.87 -9.12
C GLU B 139 -4.35 7.73 -10.03
N ASP B 140 -3.66 6.75 -9.44
CA ASP B 140 -3.17 5.54 -10.14
C ASP B 140 -4.37 4.70 -10.64
N ARG B 141 -5.46 4.65 -9.85
CA ARG B 141 -6.67 3.94 -10.23
C ARG B 141 -7.58 4.78 -11.15
N ARG B 142 -7.14 5.99 -11.59
CA ARG B 142 -7.86 6.94 -12.45
C ARG B 142 -9.16 7.41 -11.78
N LEU B 143 -9.11 7.67 -10.48
CA LEU B 143 -10.30 8.09 -9.73
C LEU B 143 -10.12 9.48 -9.14
N VAL B 144 -10.98 10.41 -9.52
CA VAL B 144 -10.93 11.77 -8.98
C VAL B 144 -11.83 11.76 -7.75
N HIS B 145 -11.30 12.16 -6.59
CA HIS B 145 -12.07 12.15 -5.34
C HIS B 145 -13.22 13.17 -5.35
N ARG B 146 -12.91 14.45 -5.67
CA ARG B 146 -13.84 15.59 -5.75
C ARG B 146 -14.19 16.22 -4.38
N ASP B 147 -13.88 15.55 -3.27
CA ASP B 147 -14.21 16.10 -1.96
C ASP B 147 -13.16 15.76 -0.88
N LEU B 148 -11.87 15.93 -1.17
CA LEU B 148 -10.85 15.67 -0.17
C LEU B 148 -10.88 16.84 0.84
N ALA B 149 -11.00 16.53 2.12
CA ALA B 149 -11.03 17.47 3.23
C ALA B 149 -10.61 16.71 4.50
N ALA B 150 -10.20 17.42 5.57
CA ALA B 150 -9.81 16.73 6.82
C ALA B 150 -10.99 15.95 7.43
N ARG B 151 -12.24 16.34 7.12
CA ARG B 151 -13.42 15.60 7.58
C ARG B 151 -13.54 14.23 6.83
N ASN B 152 -12.92 14.08 5.66
CA ASN B 152 -12.93 12.86 4.86
C ASN B 152 -11.67 12.02 5.01
N VAL B 153 -10.90 12.26 6.08
CA VAL B 153 -9.73 11.48 6.41
C VAL B 153 -10.08 10.88 7.76
N LEU B 154 -10.10 9.55 7.85
CA LEU B 154 -10.45 8.87 9.08
C LEU B 154 -9.22 8.37 9.79
N VAL B 155 -9.33 8.24 11.10
CA VAL B 155 -8.24 7.80 11.94
C VAL B 155 -8.50 6.38 12.40
N LYS B 156 -7.72 5.43 11.86
CA LYS B 156 -7.80 4.03 12.28
C LYS B 156 -7.11 3.99 13.65
N THR B 157 -5.88 4.50 13.71
CA THR B 157 -5.07 4.69 14.90
C THR B 157 -4.37 6.06 14.72
N PRO B 158 -3.89 6.71 15.80
CA PRO B 158 -3.21 8.01 15.62
C PRO B 158 -2.08 8.00 14.60
N GLN B 159 -1.46 6.83 14.37
CA GLN B 159 -0.36 6.75 13.40
C GLN B 159 -0.79 6.10 12.05
N HIS B 160 -2.09 6.02 11.76
CA HIS B 160 -2.59 5.40 10.54
C HIS B 160 -3.95 6.02 10.12
N VAL B 161 -3.91 6.87 9.08
CA VAL B 161 -5.12 7.52 8.60
C VAL B 161 -5.51 7.03 7.20
N LYS B 162 -6.80 7.11 6.86
CA LYS B 162 -7.32 6.62 5.60
C LYS B 162 -8.28 7.63 4.98
N ILE B 163 -8.27 7.76 3.67
CA ILE B 163 -9.19 8.65 2.96
C ILE B 163 -10.50 7.93 2.66
N THR B 164 -11.61 8.59 2.95
CA THR B 164 -12.95 8.04 2.71
C THR B 164 -13.73 8.93 1.74
N ASP B 165 -14.95 8.50 1.33
CA ASP B 165 -15.90 9.22 0.47
C ASP B 165 -15.44 9.41 -0.96
N PHE B 166 -14.48 8.61 -1.44
CA PHE B 166 -14.07 8.69 -2.84
C PHE B 166 -15.20 8.07 -3.68
N GLY B 167 -15.48 8.69 -4.82
CA GLY B 167 -16.53 8.23 -5.72
C GLY B 167 -17.96 8.55 -5.29
N LEU B 168 -18.13 9.07 -4.06
CA LEU B 168 -19.44 9.41 -3.50
C LEU B 168 -20.08 10.56 -4.24
N ALA B 169 -19.30 11.59 -4.61
CA ALA B 169 -19.79 12.75 -5.36
C ALA B 169 -20.34 12.29 -6.71
N LYS B 170 -19.64 11.40 -7.44
CA LYS B 170 -20.08 10.87 -8.73
C LYS B 170 -21.37 10.07 -8.58
N LEU B 171 -21.52 9.32 -7.47
CA LEU B 171 -22.71 8.55 -7.17
C LEU B 171 -23.91 9.49 -6.90
N LEU B 172 -23.66 10.67 -6.32
CA LEU B 172 -24.69 11.67 -6.02
C LEU B 172 -25.00 12.63 -7.17
N GLY B 173 -24.72 12.21 -8.40
CA GLY B 173 -25.00 12.98 -9.60
C GLY B 173 -24.17 14.23 -9.83
N ALA B 174 -22.96 14.30 -9.24
CA ALA B 174 -22.10 15.47 -9.45
C ALA B 174 -21.58 15.58 -10.89
N GLU B 175 -21.38 14.44 -11.57
CA GLU B 175 -20.93 14.47 -12.96
C GLU B 175 -22.08 14.55 -13.99
N GLU B 176 -23.35 14.57 -13.53
CA GLU B 176 -24.50 14.65 -14.42
C GLU B 176 -24.92 16.13 -14.60
N LYS B 177 -25.23 16.52 -15.86
CA LYS B 177 -25.68 17.87 -16.25
C LYS B 177 -24.84 18.99 -15.62
N GLY B 184 -28.35 20.50 0.24
CA GLY B 184 -27.02 20.12 -0.19
C GLY B 184 -26.02 21.25 -0.14
N LYS B 185 -24.83 21.00 0.45
CA LYS B 185 -23.79 22.02 0.57
C LYS B 185 -22.52 21.71 -0.24
N VAL B 186 -22.21 22.56 -1.24
CA VAL B 186 -21.03 22.42 -2.10
C VAL B 186 -19.79 22.90 -1.33
N PRO B 187 -18.68 22.14 -1.34
CA PRO B 187 -17.50 22.56 -0.53
C PRO B 187 -16.59 23.57 -1.24
N ILE B 188 -17.12 24.76 -1.53
CA ILE B 188 -16.45 25.86 -2.22
C ILE B 188 -15.06 26.21 -1.64
N LYS B 189 -14.95 26.22 -0.30
CA LYS B 189 -13.71 26.58 0.38
C LYS B 189 -12.58 25.53 0.29
N TRP B 190 -12.85 24.38 -0.34
CA TRP B 190 -11.85 23.33 -0.60
C TRP B 190 -11.60 23.12 -2.11
N MET B 191 -12.46 23.68 -2.97
CA MET B 191 -12.40 23.56 -4.40
C MET B 191 -11.42 24.50 -5.09
N ALA B 192 -10.80 23.99 -6.14
CA ALA B 192 -9.92 24.75 -7.00
C ALA B 192 -10.75 25.78 -7.77
N LEU B 193 -10.16 26.92 -8.16
CA LEU B 193 -10.87 27.96 -8.88
C LEU B 193 -11.59 27.45 -10.15
N GLU B 194 -10.98 26.52 -10.91
CA GLU B 194 -11.60 25.98 -12.13
C GLU B 194 -12.82 25.09 -11.82
N SER B 195 -12.88 24.49 -10.63
CA SER B 195 -14.02 23.68 -10.23
C SER B 195 -15.18 24.59 -9.82
N ILE B 196 -14.89 25.73 -9.18
CA ILE B 196 -15.91 26.69 -8.78
C ILE B 196 -16.56 27.32 -10.00
N LEU B 197 -15.73 27.77 -10.95
CA LEU B 197 -16.19 28.47 -12.14
C LEU B 197 -16.75 27.60 -13.25
N HIS B 198 -16.20 26.38 -13.46
CA HIS B 198 -16.62 25.56 -14.59
C HIS B 198 -16.96 24.12 -14.26
N ARG B 199 -16.99 23.75 -12.98
CA ARG B 199 -17.25 22.38 -12.57
C ARG B 199 -16.25 21.39 -13.19
N ILE B 200 -14.99 21.81 -13.34
CA ILE B 200 -13.93 20.97 -13.86
C ILE B 200 -13.24 20.25 -12.68
N TYR B 201 -13.28 18.92 -12.68
CA TYR B 201 -12.66 18.14 -11.62
C TYR B 201 -11.63 17.19 -12.19
N THR B 202 -10.39 17.31 -11.72
CA THR B 202 -9.24 16.52 -12.17
C THR B 202 -8.42 16.08 -10.94
N HIS B 203 -7.34 15.31 -11.16
CA HIS B 203 -6.43 14.99 -10.06
C HIS B 203 -5.71 16.26 -9.58
N GLN B 204 -5.58 17.30 -10.46
CA GLN B 204 -4.95 18.56 -10.08
C GLN B 204 -5.86 19.44 -9.25
N SER B 205 -7.19 19.36 -9.43
CA SER B 205 -8.11 20.07 -8.55
C SER B 205 -8.17 19.38 -7.15
N ASP B 206 -7.86 18.07 -7.09
CA ASP B 206 -7.74 17.32 -5.82
C ASP B 206 -6.48 17.79 -5.07
N VAL B 207 -5.42 18.19 -5.80
CA VAL B 207 -4.18 18.71 -5.25
C VAL B 207 -4.48 20.01 -4.50
N TRP B 208 -5.37 20.87 -5.08
CA TRP B 208 -5.82 22.08 -4.41
C TRP B 208 -6.49 21.73 -3.07
N SER B 209 -7.46 20.81 -3.07
CA SER B 209 -8.15 20.32 -1.86
C SER B 209 -7.20 19.72 -0.84
N TYR B 210 -6.14 19.08 -1.31
CA TYR B 210 -5.09 18.51 -0.46
C TYR B 210 -4.36 19.64 0.28
N GLY B 211 -4.10 20.76 -0.39
CA GLY B 211 -3.47 21.92 0.21
C GLY B 211 -4.31 22.52 1.32
N VAL B 212 -5.64 22.60 1.09
CA VAL B 212 -6.59 23.11 2.07
C VAL B 212 -6.69 22.14 3.26
N THR B 213 -6.56 20.81 3.02
CA THR B 213 -6.58 19.77 4.05
C THR B 213 -5.32 19.87 4.93
N VAL B 214 -4.14 20.11 4.31
CA VAL B 214 -2.89 20.29 5.05
C VAL B 214 -3.00 21.55 5.91
N TRP B 215 -3.59 22.64 5.35
CA TRP B 215 -3.82 23.89 6.07
C TRP B 215 -4.74 23.67 7.28
N GLU B 216 -5.76 22.82 7.15
CA GLU B 216 -6.64 22.50 8.27
C GLU B 216 -5.86 21.80 9.37
N LEU B 217 -4.93 20.90 9.02
CA LEU B 217 -4.16 20.14 10.00
C LEU B 217 -3.16 21.02 10.71
N MET B 218 -2.46 21.89 9.95
CA MET B 218 -1.44 22.81 10.47
C MET B 218 -2.05 23.88 11.38
N THR B 219 -3.34 24.20 11.21
CA THR B 219 -4.05 25.15 12.07
C THR B 219 -4.83 24.45 13.21
N PHE B 220 -4.73 23.12 13.32
CA PHE B 220 -5.38 22.26 14.31
C PHE B 220 -6.90 22.27 14.21
N GLY B 221 -7.39 22.32 12.99
CA GLY B 221 -8.82 22.25 12.72
C GLY B 221 -9.52 23.57 12.50
N SER B 222 -8.79 24.63 12.13
CA SER B 222 -9.44 25.92 11.86
C SER B 222 -10.31 25.84 10.61
N LYS B 223 -11.35 26.69 10.55
CA LYS B 223 -12.24 26.73 9.40
C LYS B 223 -11.67 27.66 8.33
N PRO B 224 -11.46 27.15 7.11
CA PRO B 224 -10.87 27.97 6.05
C PRO B 224 -11.75 29.15 5.61
N TYR B 225 -11.13 30.35 5.48
CA TYR B 225 -11.81 31.60 5.10
C TYR B 225 -13.02 31.86 6.02
N ASP B 226 -12.80 31.80 7.34
CA ASP B 226 -13.88 31.96 8.31
C ASP B 226 -14.53 33.32 8.27
N GLY B 227 -15.85 33.33 8.11
CA GLY B 227 -16.62 34.58 8.05
C GLY B 227 -16.93 35.04 6.64
N ILE B 228 -16.05 34.68 5.69
CA ILE B 228 -16.23 35.03 4.29
C ILE B 228 -17.31 34.14 3.69
N PRO B 229 -18.36 34.73 3.08
CA PRO B 229 -19.41 33.89 2.47
C PRO B 229 -18.87 33.09 1.28
N ALA B 230 -19.41 31.90 1.04
CA ALA B 230 -18.97 31.05 -0.06
C ALA B 230 -19.12 31.72 -1.43
N SER B 231 -20.09 32.62 -1.57
CA SER B 231 -20.32 33.37 -2.81
C SER B 231 -19.16 34.31 -3.17
N GLU B 232 -18.34 34.70 -2.18
CA GLU B 232 -17.23 35.62 -2.42
C GLU B 232 -15.87 34.96 -2.61
N ILE B 233 -15.78 33.63 -2.43
CA ILE B 233 -14.53 32.88 -2.52
C ILE B 233 -13.84 33.01 -3.90
N SER B 234 -14.58 32.82 -5.00
CA SER B 234 -14.00 32.89 -6.34
C SER B 234 -13.35 34.25 -6.64
N SER B 235 -13.97 35.37 -6.25
CA SER B 235 -13.40 36.69 -6.49
C SER B 235 -12.19 36.95 -5.60
N ILE B 236 -12.19 36.42 -4.37
CA ILE B 236 -11.08 36.55 -3.44
C ILE B 236 -9.84 35.79 -3.99
N LEU B 237 -10.06 34.63 -4.62
CA LEU B 237 -8.99 33.83 -5.20
C LEU B 237 -8.42 34.51 -6.45
N GLU B 238 -9.27 35.18 -7.23
CA GLU B 238 -8.83 35.91 -8.41
C GLU B 238 -7.98 37.14 -8.05
N LYS B 239 -8.15 37.70 -6.83
CA LYS B 239 -7.34 38.82 -6.34
C LYS B 239 -5.96 38.36 -5.80
N GLY B 240 -5.71 37.05 -5.71
CA GLY B 240 -4.45 36.51 -5.25
C GLY B 240 -4.38 36.21 -3.76
N GLU B 241 -5.53 36.29 -3.08
CA GLU B 241 -5.63 35.99 -1.67
C GLU B 241 -5.72 34.50 -1.50
N ARG B 242 -4.94 33.98 -0.57
CA ARG B 242 -4.91 32.56 -0.25
C ARG B 242 -5.07 32.35 1.27
N LEU B 243 -5.17 31.10 1.74
CA LEU B 243 -5.24 30.82 3.18
C LEU B 243 -3.94 31.29 3.84
N PRO B 244 -4.03 31.98 4.99
CA PRO B 244 -2.82 32.54 5.61
C PRO B 244 -1.81 31.49 6.07
N GLN B 245 -0.55 31.89 6.24
CA GLN B 245 0.48 30.97 6.70
C GLN B 245 0.23 30.60 8.17
N PRO B 246 0.02 29.31 8.48
CA PRO B 246 -0.22 28.93 9.89
C PRO B 246 1.00 29.24 10.77
N PRO B 247 0.77 29.65 12.03
CA PRO B 247 1.90 30.03 12.91
C PRO B 247 3.03 29.00 13.04
N ILE B 248 2.71 27.69 13.06
CA ILE B 248 3.71 26.65 13.25
C ILE B 248 4.53 26.36 11.99
N CYS B 249 4.08 26.79 10.81
CA CYS B 249 4.77 26.47 9.56
C CYS B 249 5.94 27.34 9.26
N THR B 250 7.02 26.73 8.77
CA THR B 250 8.15 27.49 8.26
C THR B 250 7.77 27.90 6.81
N ILE B 251 8.61 28.73 6.14
CA ILE B 251 8.31 29.13 4.77
C ILE B 251 8.36 27.93 3.81
N ASP B 252 9.17 26.90 4.12
CA ASP B 252 9.31 25.67 3.32
C ASP B 252 8.02 24.88 3.24
N VAL B 253 7.29 24.80 4.37
CA VAL B 253 6.03 24.07 4.39
C VAL B 253 4.95 24.90 3.71
N TYR B 254 4.88 26.19 4.05
CA TYR B 254 3.88 27.07 3.47
C TYR B 254 3.97 27.16 1.95
N MET B 255 5.19 27.16 1.40
CA MET B 255 5.37 27.24 -0.03
C MET B 255 4.79 26.03 -0.75
N ILE B 256 4.80 24.86 -0.12
CA ILE B 256 4.22 23.65 -0.70
C ILE B 256 2.70 23.79 -0.77
N MET B 257 2.06 24.30 0.31
CA MET B 257 0.62 24.55 0.36
C MET B 257 0.26 25.57 -0.72
N ARG B 258 1.02 26.64 -0.80
CA ARG B 258 0.88 27.73 -1.74
C ARG B 258 0.94 27.25 -3.19
N LYS B 259 1.83 26.29 -3.51
CA LYS B 259 1.92 25.73 -4.87
C LYS B 259 0.68 24.88 -5.23
N CYS B 260 0.01 24.28 -4.23
CA CYS B 260 -1.26 23.56 -4.44
C CYS B 260 -2.38 24.50 -4.89
N TRP B 261 -2.25 25.81 -4.61
CA TRP B 261 -3.25 26.82 -4.90
C TRP B 261 -2.91 27.70 -6.06
N MET B 262 -2.26 27.14 -7.07
CA MET B 262 -1.96 27.87 -8.27
C MET B 262 -3.16 27.90 -9.22
N ILE B 263 -3.33 28.98 -10.00
CA ILE B 263 -4.41 29.11 -10.96
C ILE B 263 -4.26 28.02 -12.03
N ASP B 264 -3.04 27.86 -12.59
CA ASP B 264 -2.77 26.83 -13.59
C ASP B 264 -2.67 25.49 -12.90
N ALA B 265 -3.61 24.57 -13.21
CA ALA B 265 -3.68 23.24 -12.59
C ALA B 265 -2.43 22.39 -12.87
N ASP B 266 -1.88 22.48 -14.08
CA ASP B 266 -0.68 21.73 -14.45
C ASP B 266 0.60 22.20 -13.75
N SER B 267 0.59 23.42 -13.18
CA SER B 267 1.75 23.92 -12.43
C SER B 267 1.72 23.47 -10.96
N ARG B 268 0.57 22.99 -10.46
CA ARG B 268 0.47 22.47 -9.10
C ARG B 268 1.29 21.17 -8.97
N PRO B 269 1.87 20.91 -7.80
CA PRO B 269 2.63 19.67 -7.61
C PRO B 269 1.76 18.42 -7.80
N LYS B 270 2.39 17.28 -8.09
CA LYS B 270 1.68 16.03 -8.23
C LYS B 270 1.71 15.32 -6.87
N PHE B 271 0.76 14.42 -6.58
CA PHE B 271 0.75 13.68 -5.32
C PHE B 271 2.03 12.88 -5.11
N ARG B 272 2.61 12.36 -6.18
CA ARG B 272 3.88 11.65 -6.19
C ARG B 272 5.01 12.54 -5.64
N GLU B 273 5.03 13.83 -6.04
CA GLU B 273 6.01 14.82 -5.59
C GLU B 273 5.75 15.25 -4.15
N LEU B 274 4.48 15.47 -3.80
CA LEU B 274 4.08 15.81 -2.44
C LEU B 274 4.49 14.70 -1.44
N ILE B 275 4.49 13.41 -1.87
CA ILE B 275 4.93 12.32 -1.01
C ILE B 275 6.41 12.49 -0.70
N ILE B 276 7.22 12.76 -1.72
CA ILE B 276 8.64 12.97 -1.59
C ILE B 276 8.96 14.17 -0.70
N GLU B 277 8.32 15.32 -0.95
CA GLU B 277 8.55 16.53 -0.15
C GLU B 277 8.20 16.32 1.32
N PHE B 278 6.96 15.90 1.62
CA PHE B 278 6.56 15.68 3.02
C PHE B 278 7.32 14.54 3.67
N SER B 279 7.80 13.56 2.89
CA SER B 279 8.59 12.46 3.45
C SER B 279 9.93 12.95 3.92
N LYS B 280 10.55 13.89 3.19
CA LYS B 280 11.82 14.49 3.55
C LYS B 280 11.64 15.28 4.85
N MET B 281 10.56 16.06 4.94
CA MET B 281 10.26 16.86 6.11
C MET B 281 9.96 16.02 7.34
N ALA B 282 9.28 14.89 7.17
CA ALA B 282 8.99 14.00 8.29
C ALA B 282 10.25 13.34 8.87
N ARG B 283 11.35 13.28 8.11
CA ARG B 283 12.60 12.73 8.61
C ARG B 283 13.30 13.70 9.59
N ASP B 284 13.04 15.01 9.49
CA ASP B 284 13.56 16.03 10.42
C ASP B 284 12.41 17.02 10.71
N PRO B 285 11.39 16.61 11.50
CA PRO B 285 10.20 17.46 11.64
C PRO B 285 10.35 18.78 12.40
N GLN B 286 11.27 18.87 13.36
CA GLN B 286 11.46 20.11 14.11
C GLN B 286 12.09 21.25 13.26
N ARG B 287 12.67 20.91 12.11
CA ARG B 287 13.24 21.86 11.17
C ARG B 287 12.14 22.54 10.30
N TYR B 288 10.97 21.90 10.15
CA TYR B 288 9.90 22.37 9.28
C TYR B 288 8.66 22.87 10.02
N LEU B 289 8.39 22.34 11.21
CA LEU B 289 7.27 22.79 12.02
C LEU B 289 7.78 23.20 13.39
N VAL B 290 7.42 24.40 13.84
CA VAL B 290 7.83 24.92 15.14
C VAL B 290 6.64 24.86 16.08
N ILE B 291 6.59 23.84 16.93
CA ILE B 291 5.49 23.65 17.86
C ILE B 291 6.01 23.72 19.30
N GLN B 292 5.33 24.51 20.17
CA GLN B 292 5.71 24.60 21.57
C GLN B 292 5.39 23.24 22.21
N GLY B 293 6.38 22.62 22.83
CA GLY B 293 6.20 21.30 23.41
C GLY B 293 7.08 20.21 22.80
N ASP B 294 7.47 20.35 21.51
CA ASP B 294 8.37 19.37 20.89
C ASP B 294 9.76 19.48 21.59
N GLU B 295 10.26 20.71 21.69
CA GLU B 295 11.52 20.98 22.37
C GLU B 295 11.24 21.61 23.74
C3 A1IUK C . 17.79 -5.76 -4.63
C4 A1IUK C . 14.72 -4.02 -5.18
C5 A1IUK C . 18.40 -5.34 -2.11
C6 A1IUK C . 18.42 -6.53 -1.41
C7 A1IUK C . 19.12 -6.68 -0.22
C8 A1IUK C . 19.87 -5.59 0.21
C9 A1IUK C . 19.89 -4.39 -0.45
C10 A1IUK C . 19.13 -4.28 -1.60
C11 A1IUK C . 19.09 -7.95 0.51
C12 A1IUK C . 19.37 -10.06 0.76
O A1IUK C . 19.50 -14.07 1.66
N1 A1IUK C . 15.99 -4.66 -4.73
C20 A1IUK C . 19.29 -13.17 2.47
C21 A1IUK C . 18.87 -13.52 3.86
C22 A1IUK C . 18.57 -14.99 3.93
N3 A1IUK C . 19.40 -11.87 2.13
C13 A1IUK C . 19.70 -11.47 0.76
C14 A1IUK C . 19.26 -10.72 3.00
C15 A1IUK C . 19.20 -9.57 2.03
N2 A1IUK C . 19.27 -9.07 -0.16
N4 A1IUK C . 19.00 -8.20 1.87
C16 A1IUK C . 18.68 -7.26 2.95
N6 A1IUK C . 17.81 -6.29 2.66
C19 A1IUK C . 17.41 -5.57 3.71
N5 A1IUK C . 17.79 -5.69 4.97
C18 A1IUK C . 18.68 -6.65 5.20
C17 A1IUK C . 19.17 -7.48 4.22
F2 A1IUK C . 20.62 -5.71 1.32
F3 A1IUK C . 19.09 -3.08 -2.22
C2 A1IUK C . 17.58 -5.22 -3.34
N A1IUK C . 16.83 -5.44 -5.47
F1 A1IUK C . 14.90 -3.36 -6.35
F A1IUK C . 13.81 -4.98 -5.34
C1 A1IUK C . 16.40 -4.52 -3.45
C A1IUK C . 15.63 -3.83 -2.38
C3 A1IUK D . -18.46 6.26 1.45
C4 A1IUK D . -15.76 4.48 -0.10
C5 A1IUK D . -18.42 5.64 3.99
C6 A1IUK D . -18.15 6.75 4.81
C7 A1IUK D . -18.53 6.78 6.15
C8 A1IUK D . -19.21 5.67 6.63
C9 A1IUK D . -19.48 4.56 5.88
C10 A1IUK D . -19.07 4.57 4.58
C11 A1IUK D . -18.23 7.94 7.00
C12 A1IUK D . -18.28 9.98 7.67
O A1IUK D . -17.54 13.83 9.00
N1 A1IUK D . -16.82 5.10 0.76
C20 A1IUK D . -17.20 12.79 9.58
C21 A1IUK D . -16.31 12.83 10.79
C22 A1IUK D . -15.68 14.19 11.00
N3 A1IUK D . -17.61 11.57 9.16
C13 A1IUK D . -18.52 11.39 8.04
C14 A1IUK D . -17.23 10.29 9.72
C15 A1IUK D . -17.65 9.31 8.67
N2 A1IUK D . -18.62 9.15 6.64
N4 A1IUK D . -17.60 7.97 8.24
C16 A1IUK D . -16.99 6.88 8.99
N6 A1IUK D . -16.45 5.88 8.28
C19 A1IUK D . -15.83 4.94 9.00
N5 A1IUK D . -15.69 4.89 10.33
C18 A1IUK D . -16.25 5.90 10.99
C17 A1IUK D . -16.93 6.93 10.38
F2 A1IUK D . -19.69 5.74 7.89
F3 A1IUK D . -19.29 3.44 3.85
C2 A1IUK D . -17.94 5.61 2.59
N A1IUK D . -17.80 5.95 0.34
F1 A1IUK D . -14.84 5.44 -0.35
F A1IUK D . -16.18 4.08 -1.31
C1 A1IUK D . -16.85 4.89 2.11
C A1IUK D . -15.79 4.18 2.89
#